data_7KR6
#
_entry.id   7KR6
#
_cell.length_a   46.447
_cell.length_b   84.576
_cell.length_c   67.105
_cell.angle_alpha   90.000
_cell.angle_beta   93.983
_cell.angle_gamma   90.000
#
_symmetry.space_group_name_H-M   'P 1 21 1'
#
loop_
_entity.id
_entity.type
_entity.pdbx_description
1 polymer 'Glycoside hydrolase family 16 protein'
2 branched beta-D-glucopyranose-(1-4)-beta-D-glucopyranose-(1-3)-2-deoxy-2-fluoro-alpha-D-glucopyranose
3 water water
#
_entity_poly.entity_id   1
_entity_poly.type   'polypeptide(L)'
_entity_poly.pdbx_seq_one_letter_code
;MGSSHHHHHHSSGLVPRGSHMSDSVGTEPEENPQDILFKDDFNFFDEKVWTKETHEPGWTNQELQAYDAAHVSVGKDGDK
SVLILTAERKGNKIYSGRINSKGKKSFKYRKIEASIKLPKTNGGLWPAFWMMGDNDKQWPACGEIDIMAMGEQSGMAAGD
SEKQVNTAIHYGPSAAAHEQQYYKANVANSLQDGNYHTYSLDWDENNLTISIDNVKFHTFDISSNTYFHDNFYILFNLAV
GGAFTGITDINKLTGLKDGQKVNMYIDWVKIL
;
_entity_poly.pdbx_strand_id   AAA,BBB
#
# COMPACT_ATOMS: atom_id res chain seq x y z
N ILE A 36 -27.27 -20.41 -8.70
CA ILE A 36 -26.38 -19.40 -9.31
C ILE A 36 -27.25 -18.27 -9.87
N LEU A 37 -27.01 -17.02 -9.47
CA LEU A 37 -27.58 -15.79 -10.09
C LEU A 37 -27.08 -15.63 -11.53
N PHE A 38 -25.81 -15.91 -11.76
CA PHE A 38 -25.23 -15.54 -13.07
C PHE A 38 -23.98 -16.36 -13.29
N LYS A 39 -23.80 -16.84 -14.52
CA LYS A 39 -22.54 -17.53 -14.90
C LYS A 39 -22.24 -17.16 -16.32
N ASP A 40 -20.99 -16.87 -16.60
CA ASP A 40 -20.44 -16.78 -17.97
C ASP A 40 -19.35 -17.83 -18.07
N ASP A 41 -19.58 -18.84 -18.90
CA ASP A 41 -18.59 -19.92 -19.18
C ASP A 41 -17.67 -19.48 -20.32
N PHE A 42 -17.88 -18.33 -20.95
CA PHE A 42 -17.05 -17.79 -22.04
C PHE A 42 -16.97 -18.78 -23.21
N ASN A 43 -18.12 -19.32 -23.63
CA ASN A 43 -18.18 -20.07 -24.92
C ASN A 43 -18.19 -19.08 -26.07
N PHE A 44 -18.53 -17.82 -25.78
CA PHE A 44 -18.51 -16.69 -26.74
C PHE A 44 -18.44 -15.41 -25.92
N PHE A 45 -18.11 -14.34 -26.61
CA PHE A 45 -18.04 -12.97 -26.04
C PHE A 45 -19.45 -12.39 -26.11
N ASP A 46 -20.08 -12.28 -24.96
CA ASP A 46 -21.49 -11.83 -24.83
C ASP A 46 -21.56 -10.32 -24.63
N GLU A 47 -21.82 -9.57 -25.69
CA GLU A 47 -21.93 -8.10 -25.70
C GLU A 47 -23.13 -7.63 -24.87
N LYS A 48 -24.03 -8.50 -24.43
CA LYS A 48 -25.14 -8.09 -23.52
C LYS A 48 -24.64 -8.05 -22.07
N VAL A 49 -23.42 -8.52 -21.84
CA VAL A 49 -22.82 -8.57 -20.49
C VAL A 49 -21.54 -7.74 -20.43
N TRP A 50 -20.69 -7.80 -21.45
CA TRP A 50 -19.33 -7.21 -21.40
C TRP A 50 -19.15 -6.13 -22.46
N THR A 51 -18.25 -5.18 -22.19
CA THR A 51 -17.76 -4.17 -23.11
C THR A 51 -16.23 -4.26 -23.12
N LYS A 52 -15.65 -4.39 -24.30
CA LYS A 52 -14.19 -4.20 -24.50
C LYS A 52 -13.84 -2.72 -24.44
N GLU A 53 -12.75 -2.39 -23.73
CA GLU A 53 -12.32 -1.00 -23.54
C GLU A 53 -11.23 -0.67 -24.53
N THR A 54 -11.22 0.61 -24.93
CA THR A 54 -10.23 1.23 -25.83
C THR A 54 -9.65 2.45 -25.18
N HIS A 55 -8.35 2.46 -24.91
CA HIS A 55 -7.70 3.61 -24.26
C HIS A 55 -6.26 3.72 -24.76
N GLU A 56 -5.75 4.93 -24.77
CA GLU A 56 -4.37 5.27 -25.17
C GLU A 56 -3.44 4.81 -24.04
N PRO A 57 -2.14 4.63 -24.32
CA PRO A 57 -1.16 4.38 -23.27
C PRO A 57 -1.16 5.49 -22.21
N GLY A 58 -0.97 5.13 -20.94
CA GLY A 58 -0.86 6.12 -19.85
C GLY A 58 -2.20 6.67 -19.38
N TRP A 59 -3.32 6.10 -19.85
CA TRP A 59 -4.68 6.58 -19.44
C TRP A 59 -4.81 6.54 -17.91
N THR A 60 -4.44 5.43 -17.29
CA THR A 60 -4.41 5.34 -15.80
C THR A 60 -3.07 4.84 -15.27
N ASN A 61 -2.72 5.25 -14.05
CA ASN A 61 -1.66 4.64 -13.22
C ASN A 61 -0.30 4.66 -13.93
N GLN A 62 -0.08 5.54 -14.89
CA GLN A 62 1.20 5.54 -15.69
C GLN A 62 1.45 4.19 -16.39
N GLU A 63 0.39 3.48 -16.73
CA GLU A 63 0.48 2.17 -17.46
C GLU A 63 1.04 2.38 -18.87
N LEU A 64 1.75 1.39 -19.38
CA LEU A 64 2.41 1.46 -20.70
C LEU A 64 1.48 1.00 -21.82
N GLN A 65 0.54 0.08 -21.58
CA GLN A 65 -0.25 -0.52 -22.68
C GLN A 65 -1.32 0.44 -23.14
N ALA A 66 -1.64 0.35 -24.42
CA ALA A 66 -2.94 0.79 -24.96
C ALA A 66 -3.89 -0.40 -24.79
N TYR A 67 -5.15 -0.12 -24.46
CA TYR A 67 -6.17 -1.18 -24.51
C TYR A 67 -6.89 -1.10 -25.87
N ASP A 68 -7.19 -2.22 -26.45
CA ASP A 68 -8.01 -2.24 -27.68
C ASP A 68 -8.79 -3.52 -27.81
N ALA A 69 -9.78 -3.48 -28.70
CA ALA A 69 -10.72 -4.60 -28.80
C ALA A 69 -10.01 -5.83 -29.36
N ALA A 70 -8.99 -5.65 -30.21
CA ALA A 70 -8.32 -6.79 -30.85
C ALA A 70 -7.59 -7.66 -29.81
N HIS A 71 -7.30 -7.12 -28.62
CA HIS A 71 -6.53 -7.87 -27.62
C HIS A 71 -7.46 -8.51 -26.60
N VAL A 72 -8.76 -8.54 -26.88
CA VAL A 72 -9.76 -9.33 -26.12
C VAL A 72 -10.32 -10.36 -27.11
N SER A 73 -10.33 -11.62 -26.70
CA SER A 73 -10.92 -12.69 -27.54
C SER A 73 -11.50 -13.79 -26.66
N VAL A 74 -12.36 -14.62 -27.25
CA VAL A 74 -12.82 -15.89 -26.63
C VAL A 74 -12.30 -17.05 -27.49
N GLY A 75 -11.64 -18.02 -26.89
CA GLY A 75 -10.94 -19.07 -27.66
C GLY A 75 -10.72 -20.31 -26.86
N LYS A 76 -9.97 -21.24 -27.44
CA LYS A 76 -9.74 -22.55 -26.80
C LYS A 76 -8.47 -22.43 -25.97
N ASP A 77 -8.46 -23.09 -24.81
CA ASP A 77 -7.24 -23.42 -24.06
C ASP A 77 -7.35 -24.90 -23.68
N GLY A 78 -6.75 -25.77 -24.51
CA GLY A 78 -7.01 -27.21 -24.44
C GLY A 78 -8.47 -27.46 -24.77
N ASP A 79 -9.18 -28.21 -23.93
CA ASP A 79 -10.62 -28.47 -24.13
C ASP A 79 -11.46 -27.43 -23.39
N LYS A 80 -10.87 -26.34 -22.90
CA LYS A 80 -11.65 -25.26 -22.26
C LYS A 80 -11.96 -24.17 -23.29
N SER A 81 -13.10 -23.49 -23.12
CA SER A 81 -13.43 -22.24 -23.82
C SER A 81 -13.26 -21.11 -22.80
N VAL A 82 -12.45 -20.14 -23.14
CA VAL A 82 -12.00 -19.12 -22.13
C VAL A 82 -12.01 -17.73 -22.75
N LEU A 83 -12.16 -16.73 -21.90
CA LEU A 83 -11.85 -15.34 -22.26
C LEU A 83 -10.31 -15.19 -22.29
N ILE A 84 -9.79 -14.53 -23.31
CA ILE A 84 -8.32 -14.33 -23.48
C ILE A 84 -8.04 -12.85 -23.55
N LEU A 85 -7.30 -12.34 -22.56
CA LEU A 85 -6.69 -11.01 -22.66
C LEU A 85 -5.22 -11.17 -23.06
N THR A 86 -4.86 -10.56 -24.17
CA THR A 86 -3.50 -10.72 -24.76
C THR A 86 -2.72 -9.44 -24.69
N ALA A 87 -1.57 -9.47 -24.02
CA ALA A 87 -0.62 -8.36 -24.00
C ALA A 87 0.44 -8.64 -25.07
N GLU A 88 0.73 -7.64 -25.87
CA GLU A 88 1.60 -7.77 -27.07
C GLU A 88 2.50 -6.55 -27.17
N ARG A 89 3.77 -6.76 -27.53
CA ARG A 89 4.68 -5.65 -27.82
C ARG A 89 5.08 -5.67 -29.30
N LYS A 90 5.04 -4.50 -29.93
CA LYS A 90 5.38 -4.31 -31.36
C LYS A 90 6.29 -3.07 -31.38
N GLY A 91 7.60 -3.26 -31.48
CA GLY A 91 8.56 -2.16 -31.28
C GLY A 91 8.50 -1.67 -29.84
N ASN A 92 8.18 -0.39 -29.64
CA ASN A 92 8.03 0.18 -28.29
C ASN A 92 6.55 0.45 -28.04
N LYS A 93 5.67 -0.09 -28.87
CA LYS A 93 4.19 0.01 -28.64
C LYS A 93 3.73 -1.25 -27.91
N ILE A 94 2.90 -1.06 -26.89
CA ILE A 94 2.31 -2.16 -26.11
C ILE A 94 0.77 -2.08 -26.15
N TYR A 95 0.15 -3.22 -26.36
CA TYR A 95 -1.33 -3.38 -26.48
C TYR A 95 -1.79 -4.47 -25.54
N SER A 96 -2.97 -4.32 -24.96
CA SER A 96 -3.54 -5.40 -24.14
C SER A 96 -5.06 -5.21 -24.08
N GLY A 97 -5.71 -6.03 -23.27
CA GLY A 97 -7.18 -6.06 -23.19
C GLY A 97 -7.75 -5.86 -21.82
N ARG A 98 -8.94 -5.28 -21.82
CA ARG A 98 -9.66 -4.93 -20.58
C ARG A 98 -11.15 -4.96 -20.91
N ILE A 99 -11.95 -5.59 -20.06
CA ILE A 99 -13.42 -5.58 -20.23
C ILE A 99 -14.08 -5.17 -18.91
N ASN A 100 -15.33 -4.73 -19.04
CA ASN A 100 -16.17 -4.48 -17.87
C ASN A 100 -17.62 -4.84 -18.18
N SER A 101 -18.44 -4.92 -17.14
CA SER A 101 -19.88 -5.18 -17.24
C SER A 101 -20.70 -3.97 -16.79
N LYS A 102 -20.16 -2.77 -16.84
CA LYS A 102 -20.89 -1.54 -16.38
C LYS A 102 -22.16 -1.38 -17.20
N GLY A 103 -23.26 -1.13 -16.50
CA GLY A 103 -24.55 -0.89 -17.17
C GLY A 103 -25.16 -2.18 -17.72
N LYS A 104 -24.54 -3.35 -17.53
CA LYS A 104 -24.98 -4.65 -18.12
C LYS A 104 -25.14 -5.72 -17.06
N LYS A 105 -24.19 -5.87 -16.12
CA LYS A 105 -24.31 -6.90 -15.08
C LYS A 105 -23.71 -6.31 -13.82
N SER A 106 -24.52 -6.16 -12.80
CA SER A 106 -24.07 -5.63 -11.50
C SER A 106 -24.85 -6.31 -10.38
N PHE A 107 -24.30 -6.29 -9.19
CA PHE A 107 -24.86 -7.08 -8.07
C PHE A 107 -24.39 -6.48 -6.74
N LYS A 108 -25.01 -6.93 -5.66
CA LYS A 108 -24.76 -6.43 -4.30
C LYS A 108 -24.89 -7.62 -3.37
N TYR A 109 -23.95 -7.76 -2.42
CA TYR A 109 -24.03 -8.75 -1.33
C TYR A 109 -24.22 -10.17 -1.87
N ARG A 110 -23.44 -10.57 -2.88
CA ARG A 110 -23.40 -11.98 -3.33
C ARG A 110 -21.94 -12.38 -3.44
N LYS A 111 -21.71 -13.67 -3.38
CA LYS A 111 -20.37 -14.23 -3.65
C LYS A 111 -20.09 -14.20 -5.14
N ILE A 112 -18.91 -13.71 -5.55
CA ILE A 112 -18.48 -13.76 -6.95
C ILE A 112 -17.20 -14.60 -7.01
N GLU A 113 -17.08 -15.46 -8.00
CA GLU A 113 -15.91 -16.31 -8.21
C GLU A 113 -15.53 -16.31 -9.68
N ALA A 114 -14.23 -16.38 -9.95
CA ALA A 114 -13.72 -16.55 -11.31
C ALA A 114 -12.54 -17.52 -11.27
N SER A 115 -12.40 -18.28 -12.34
CA SER A 115 -11.29 -19.24 -12.57
C SER A 115 -10.35 -18.62 -13.60
N ILE A 116 -9.12 -18.38 -13.17
CA ILE A 116 -8.15 -17.56 -13.93
C ILE A 116 -6.81 -18.27 -13.97
N LYS A 117 -6.23 -18.26 -15.15
CA LYS A 117 -4.84 -18.70 -15.42
C LYS A 117 -4.05 -17.44 -15.76
N LEU A 118 -2.95 -17.24 -15.04
CA LEU A 118 -2.17 -15.99 -15.10
C LEU A 118 -0.83 -16.30 -15.76
N PRO A 119 -0.32 -15.35 -16.55
CA PRO A 119 1.05 -15.40 -17.07
C PRO A 119 2.01 -15.16 -15.89
N LYS A 120 3.27 -15.56 -16.07
CA LYS A 120 4.36 -15.05 -15.22
C LYS A 120 4.42 -13.53 -15.33
N THR A 121 4.28 -12.85 -14.19
CA THR A 121 4.16 -11.37 -14.18
C THR A 121 5.52 -10.71 -14.08
N ASN A 122 6.53 -11.43 -13.58
CA ASN A 122 7.86 -10.83 -13.29
C ASN A 122 8.27 -9.88 -14.42
N GLY A 123 8.61 -8.63 -14.06
CA GLY A 123 9.11 -7.64 -15.04
C GLY A 123 8.04 -6.74 -15.62
N GLY A 124 6.87 -6.67 -14.96
CA GLY A 124 5.96 -5.56 -15.23
C GLY A 124 4.53 -5.93 -15.65
N LEU A 125 4.15 -7.20 -15.73
CA LEU A 125 2.72 -7.50 -16.05
C LEU A 125 1.88 -7.29 -14.78
N TRP A 126 0.65 -6.80 -14.97
CA TRP A 126 -0.25 -6.41 -13.86
C TRP A 126 -1.66 -6.86 -14.19
N PRO A 127 -1.95 -8.15 -14.03
CA PRO A 127 -3.33 -8.66 -14.17
C PRO A 127 -4.17 -8.30 -12.95
N ALA A 128 -5.48 -8.12 -13.17
CA ALA A 128 -6.39 -7.83 -12.04
C ALA A 128 -7.81 -8.33 -12.36
N PHE A 129 -8.50 -8.69 -11.30
CA PHE A 129 -9.92 -9.07 -11.26
C PHE A 129 -10.53 -8.16 -10.21
N TRP A 130 -11.49 -7.32 -10.61
CA TRP A 130 -11.92 -6.23 -9.72
C TRP A 130 -13.33 -5.76 -10.06
N MET A 131 -13.82 -4.81 -9.27
CA MET A 131 -15.23 -4.36 -9.36
C MET A 131 -15.25 -2.86 -9.09
N MET A 132 -16.18 -2.15 -9.72
CA MET A 132 -16.46 -0.74 -9.33
C MET A 132 -17.96 -0.53 -9.23
N GLY A 133 -18.34 0.50 -8.51
CA GLY A 133 -19.77 0.83 -8.35
C GLY A 133 -20.42 1.15 -9.67
N ASP A 134 -21.59 0.56 -9.89
CA ASP A 134 -22.39 0.67 -11.16
C ASP A 134 -23.23 1.95 -11.06
N ASN A 135 -22.58 3.10 -11.07
CA ASN A 135 -23.22 4.43 -10.95
C ASN A 135 -22.39 5.36 -11.83
N ASP A 136 -22.73 6.63 -11.85
CA ASP A 136 -21.99 7.58 -12.71
C ASP A 136 -21.07 8.47 -11.87
N LYS A 137 -20.68 8.04 -10.67
CA LYS A 137 -19.66 8.79 -9.89
C LYS A 137 -18.29 8.48 -10.45
N GLN A 138 -17.41 9.47 -10.48
CA GLN A 138 -16.04 9.27 -10.99
C GLN A 138 -15.25 8.57 -9.88
N TRP A 139 -14.39 7.60 -10.26
CA TRP A 139 -13.43 6.96 -9.31
C TRP A 139 -12.80 8.08 -8.51
N PRO A 140 -12.58 7.95 -7.18
CA PRO A 140 -12.91 6.76 -6.41
C PRO A 140 -14.29 6.77 -5.77
N ALA A 141 -15.11 7.78 -6.06
CA ALA A 141 -16.42 7.88 -5.39
C ALA A 141 -17.38 6.77 -5.84
N CYS A 142 -17.12 6.09 -6.97
CA CYS A 142 -17.94 4.91 -7.36
C CYS A 142 -17.58 3.72 -6.46
N GLY A 143 -16.42 3.76 -5.78
CA GLY A 143 -15.93 2.60 -5.01
C GLY A 143 -15.22 1.63 -5.93
N GLU A 144 -14.17 0.99 -5.41
CA GLU A 144 -13.43 -0.03 -6.16
C GLU A 144 -13.05 -1.15 -5.19
N ILE A 145 -13.29 -2.37 -5.61
CA ILE A 145 -12.81 -3.60 -4.91
C ILE A 145 -11.84 -4.28 -5.85
N ASP A 146 -10.58 -4.34 -5.44
CA ASP A 146 -9.53 -5.07 -6.17
C ASP A 146 -9.48 -6.45 -5.52
N ILE A 147 -10.15 -7.43 -6.15
CA ILE A 147 -10.28 -8.78 -5.55
C ILE A 147 -8.88 -9.42 -5.57
N MET A 148 -8.26 -9.36 -6.72
CA MET A 148 -6.90 -9.91 -6.88
C MET A 148 -6.16 -9.03 -7.89
N ALA A 149 -4.90 -8.75 -7.58
CA ALA A 149 -3.92 -8.23 -8.53
C ALA A 149 -2.61 -8.93 -8.23
N MET A 150 -1.85 -9.20 -9.27
CA MET A 150 -0.43 -9.64 -9.09
C MET A 150 0.46 -8.69 -9.87
N GLY A 151 1.75 -8.72 -9.59
CA GLY A 151 2.70 -7.89 -10.36
C GLY A 151 3.29 -6.77 -9.52
N GLU A 152 2.98 -6.64 -8.24
CA GLU A 152 3.40 -5.45 -7.44
C GLU A 152 4.94 -5.36 -7.37
N GLN A 153 5.45 -4.12 -7.36
CA GLN A 153 6.92 -3.78 -7.28
C GLN A 153 7.64 -4.68 -6.26
N SER A 154 7.15 -4.79 -5.03
CA SER A 154 7.92 -5.46 -3.94
C SER A 154 8.03 -6.98 -4.21
N GLY A 155 7.06 -7.57 -4.93
CA GLY A 155 7.08 -8.99 -5.31
C GLY A 155 8.33 -9.32 -6.10
N MET A 156 8.81 -8.36 -6.90
CA MET A 156 10.07 -8.49 -7.64
C MET A 156 11.23 -8.02 -6.73
N ALA A 158 12.35 -8.43 -2.98
CA ALA A 158 12.62 -9.47 -1.95
C ALA A 158 11.52 -10.54 -1.98
N GLY A 159 10.37 -10.28 -2.63
CA GLY A 159 9.23 -11.20 -2.59
C GLY A 159 9.29 -12.28 -3.66
N ASP A 160 8.19 -13.04 -3.80
CA ASP A 160 8.06 -14.04 -4.88
C ASP A 160 6.93 -13.55 -5.79
N SER A 161 7.28 -13.07 -6.97
CA SER A 161 6.29 -12.54 -7.94
C SER A 161 5.23 -13.58 -8.33
N GLU A 162 5.49 -14.88 -8.19
CA GLU A 162 4.51 -15.91 -8.61
C GLU A 162 3.50 -16.15 -7.49
N LYS A 163 3.79 -15.74 -6.27
CA LYS A 163 2.95 -16.04 -5.10
C LYS A 163 2.32 -14.77 -4.51
N GLN A 164 2.84 -13.59 -4.80
CA GLN A 164 2.45 -12.37 -4.05
C GLN A 164 1.18 -11.77 -4.64
N VAL A 165 0.13 -11.75 -3.82
CA VAL A 165 -1.17 -11.21 -4.24
C VAL A 165 -1.44 -9.94 -3.45
N ASN A 166 -2.05 -9.00 -4.13
CA ASN A 166 -2.48 -7.71 -3.57
C ASN A 166 -4.00 -7.65 -3.64
N THR A 167 -4.64 -7.25 -2.59
CA THR A 167 -6.09 -6.98 -2.62
C THR A 167 -6.29 -5.60 -2.00
N ALA A 168 -7.33 -4.86 -2.40
CA ALA A 168 -7.45 -3.46 -1.99
C ALA A 168 -8.90 -2.99 -2.11
N ILE A 169 -9.22 -1.95 -1.36
CA ILE A 169 -10.45 -1.16 -1.61
C ILE A 169 -10.04 0.30 -1.74
N HIS A 170 -10.71 1.01 -2.63
CA HIS A 170 -10.53 2.45 -2.86
C HIS A 170 -11.90 3.14 -2.78
N TYR A 171 -11.95 4.31 -2.19
CA TYR A 171 -13.22 5.00 -1.91
C TYR A 171 -12.90 6.45 -1.55
N GLY A 172 -13.95 7.22 -1.26
CA GLY A 172 -13.81 8.66 -0.93
C GLY A 172 -14.50 9.50 -1.97
N PRO A 173 -14.89 10.74 -1.60
CA PRO A 173 -15.78 11.51 -2.46
C PRO A 173 -15.17 12.12 -3.72
N SER A 174 -13.85 12.14 -3.87
CA SER A 174 -13.14 12.68 -5.05
C SER A 174 -11.73 12.12 -5.07
N ALA A 175 -10.99 12.34 -6.16
CA ALA A 175 -9.57 11.95 -6.29
C ALA A 175 -8.75 12.69 -5.21
N ALA A 176 -9.10 13.94 -4.92
CA ALA A 176 -8.42 14.78 -3.91
C ALA A 176 -8.60 14.18 -2.51
N ALA A 177 -9.69 13.42 -2.30
CA ALA A 177 -10.11 12.88 -0.98
C ALA A 177 -10.09 11.34 -1.05
N HIS A 178 -9.18 10.82 -1.84
CA HIS A 178 -9.00 9.36 -2.11
C HIS A 178 -8.59 8.66 -0.81
N GLU A 179 -9.20 7.52 -0.51
CA GLU A 179 -8.80 6.67 0.63
C GLU A 179 -8.52 5.28 0.06
N GLN A 180 -7.56 4.56 0.64
CA GLN A 180 -7.23 3.22 0.14
C GLN A 180 -6.88 2.36 1.35
N GLN A 181 -7.38 1.13 1.35
CA GLN A 181 -6.88 0.04 2.21
C GLN A 181 -6.27 -1.02 1.32
N TYR A 182 -5.13 -1.58 1.67
N TYR A 182 -5.24 -1.69 1.83
CA TYR A 182 -4.70 -2.81 0.95
CA TYR A 182 -4.31 -2.54 1.04
C TYR A 182 -4.00 -3.78 1.90
C TYR A 182 -3.90 -3.74 1.91
N TYR A 183 -3.91 -4.98 1.39
CA TYR A 183 -3.26 -6.15 1.99
C TYR A 183 -2.41 -6.80 0.90
N LYS A 184 -1.21 -7.25 1.28
CA LYS A 184 -0.30 -7.96 0.37
C LYS A 184 0.31 -9.10 1.17
N ALA A 185 0.32 -10.26 0.55
CA ALA A 185 0.94 -11.47 1.11
C ALA A 185 1.12 -12.48 0.00
N ASN A 186 1.97 -13.48 0.26
CA ASN A 186 2.07 -14.71 -0.56
C ASN A 186 0.96 -15.70 -0.16
N VAL A 187 0.54 -16.44 -1.16
CA VAL A 187 -0.18 -17.72 -0.93
C VAL A 187 0.84 -18.86 -0.91
N ALA A 188 0.40 -20.12 -0.71
CA ALA A 188 1.34 -21.25 -0.47
C ALA A 188 2.13 -21.57 -1.73
N ASN A 189 1.48 -21.60 -2.88
CA ASN A 189 2.06 -22.13 -4.12
C ASN A 189 1.97 -21.09 -5.23
N SER A 190 2.73 -21.27 -6.31
CA SER A 190 2.68 -20.38 -7.49
C SER A 190 1.25 -20.33 -8.06
N LEU A 191 0.76 -19.12 -8.35
CA LEU A 191 -0.51 -18.87 -9.07
C LEU A 191 -0.23 -18.68 -10.54
N GLN A 192 1.04 -18.86 -10.96
CA GLN A 192 1.50 -18.51 -12.31
C GLN A 192 2.19 -19.77 -12.87
N ASP A 193 1.48 -20.89 -12.75
CA ASP A 193 2.05 -22.26 -12.79
C ASP A 193 1.43 -23.00 -13.99
N GLY A 194 0.76 -22.30 -14.89
CA GLY A 194 0.10 -22.94 -16.05
C GLY A 194 -1.22 -23.62 -15.70
N ASN A 195 -1.76 -23.37 -14.51
CA ASN A 195 -3.08 -23.93 -14.10
C ASN A 195 -4.04 -22.78 -13.76
N TYR A 196 -5.32 -23.10 -13.78
CA TYR A 196 -6.40 -22.17 -13.38
C TYR A 196 -6.52 -22.22 -11.87
N HIS A 197 -6.79 -21.07 -11.27
CA HIS A 197 -7.05 -20.92 -9.82
C HIS A 197 -8.34 -20.12 -9.61
N THR A 198 -9.03 -20.39 -8.53
CA THR A 198 -10.33 -19.78 -8.26
C THR A 198 -10.09 -18.59 -7.32
N TYR A 199 -10.57 -17.43 -7.72
CA TYR A 199 -10.51 -16.17 -6.95
C TYR A 199 -11.96 -15.89 -6.55
N SER A 200 -12.21 -15.78 -5.24
CA SER A 200 -13.57 -15.60 -4.68
C SER A 200 -13.64 -14.35 -3.83
N LEU A 201 -14.77 -13.65 -3.91
CA LEU A 201 -15.09 -12.54 -3.00
C LEU A 201 -16.44 -12.83 -2.37
N ASP A 202 -16.47 -12.90 -1.06
CA ASP A 202 -17.69 -12.91 -0.24
C ASP A 202 -18.00 -11.47 0.14
N TRP A 203 -19.26 -11.08 0.14
CA TRP A 203 -19.65 -9.68 0.35
C TRP A 203 -20.98 -9.69 1.10
N ASP A 204 -20.98 -9.12 2.29
CA ASP A 204 -22.23 -8.86 3.05
C ASP A 204 -22.16 -7.46 3.62
N GLU A 205 -23.11 -7.06 4.48
CA GLU A 205 -23.14 -5.67 4.98
C GLU A 205 -21.95 -5.35 5.89
N ASN A 206 -21.21 -6.36 6.38
CA ASN A 206 -20.10 -6.16 7.33
C ASN A 206 -18.74 -6.36 6.67
N ASN A 207 -18.59 -7.33 5.79
CA ASN A 207 -17.26 -7.82 5.36
C ASN A 207 -17.16 -8.06 3.86
N LEU A 208 -15.96 -7.76 3.34
CA LEU A 208 -15.48 -8.25 2.04
C LEU A 208 -14.39 -9.27 2.33
N THR A 209 -14.58 -10.52 1.94
CA THR A 209 -13.57 -11.57 2.23
C THR A 209 -13.12 -12.16 0.93
N ILE A 210 -11.81 -12.06 0.65
CA ILE A 210 -11.17 -12.64 -0.52
C ILE A 210 -10.63 -14.04 -0.19
N SER A 211 -10.93 -15.00 -1.06
CA SER A 211 -10.36 -16.37 -1.01
C SER A 211 -9.64 -16.70 -2.32
N ILE A 212 -8.63 -17.59 -2.22
CA ILE A 212 -7.86 -18.06 -3.36
C ILE A 212 -7.79 -19.58 -3.21
N ASP A 213 -8.35 -20.26 -4.19
CA ASP A 213 -8.54 -21.72 -4.16
C ASP A 213 -9.17 -22.15 -2.83
N ASN A 214 -10.18 -21.38 -2.40
CA ASN A 214 -11.06 -21.69 -1.25
C ASN A 214 -10.31 -21.56 0.08
N VAL A 215 -9.16 -20.93 0.09
CA VAL A 215 -8.46 -20.59 1.35
C VAL A 215 -8.64 -19.08 1.58
N LYS A 216 -9.22 -18.71 2.69
CA LYS A 216 -9.49 -17.28 2.98
C LYS A 216 -8.14 -16.56 3.08
N PHE A 217 -8.05 -15.46 2.34
CA PHE A 217 -6.82 -14.64 2.16
C PHE A 217 -6.87 -13.35 2.99
N HIS A 218 -7.97 -12.61 2.95
CA HIS A 218 -8.06 -11.33 3.70
C HIS A 218 -9.53 -10.91 3.82
N THR A 219 -9.86 -10.20 4.90
CA THR A 219 -11.19 -9.57 5.10
C THR A 219 -10.97 -8.06 5.32
N PHE A 220 -11.75 -7.25 4.58
CA PHE A 220 -11.94 -5.82 4.85
C PHE A 220 -13.28 -5.63 5.55
N ASP A 221 -13.25 -4.86 6.62
CA ASP A 221 -14.46 -4.39 7.36
C ASP A 221 -15.09 -3.25 6.58
N ILE A 222 -16.33 -3.41 6.12
CA ILE A 222 -17.02 -2.31 5.41
C ILE A 222 -18.28 -1.87 6.16
N SER A 223 -18.49 -2.39 7.36
CA SER A 223 -19.71 -2.09 8.17
C SER A 223 -20.02 -0.61 8.15
N SER A 224 -19.03 0.28 8.29
CA SER A 224 -19.32 1.74 8.34
C SER A 224 -18.72 2.44 7.12
N ASN A 225 -18.40 1.68 6.06
CA ASN A 225 -17.83 2.23 4.81
C ASN A 225 -18.95 2.35 3.78
N THR A 226 -19.46 3.56 3.60
CA THR A 226 -20.68 3.81 2.82
C THR A 226 -20.50 3.50 1.33
N TYR A 227 -19.27 3.26 0.85
CA TYR A 227 -19.01 3.04 -0.59
C TYR A 227 -19.22 1.59 -1.06
N PHE A 228 -19.58 0.64 -0.17
CA PHE A 228 -19.63 -0.80 -0.56
C PHE A 228 -20.96 -1.46 -0.25
N HIS A 229 -22.06 -0.73 -0.57
CA HIS A 229 -23.43 -1.14 -0.19
C HIS A 229 -24.44 -0.86 -1.32
N ASP A 230 -23.95 -0.89 -2.55
CA ASP A 230 -24.78 -0.66 -3.77
C ASP A 230 -24.24 -1.60 -4.83
N ASN A 231 -24.93 -1.74 -5.96
CA ASN A 231 -24.48 -2.58 -7.07
C ASN A 231 -23.07 -2.20 -7.52
N PHE A 232 -22.29 -3.23 -7.80
CA PHE A 232 -20.94 -3.14 -8.42
C PHE A 232 -20.94 -4.00 -9.67
N TYR A 233 -20.26 -3.54 -10.72
CA TYR A 233 -19.95 -4.34 -11.93
C TYR A 233 -18.51 -4.87 -11.89
N ILE A 234 -18.23 -5.70 -12.87
CA ILE A 234 -17.02 -6.57 -12.88
C ILE A 234 -16.07 -6.08 -13.94
N LEU A 235 -14.77 -6.14 -13.62
CA LEU A 235 -13.71 -5.84 -14.59
C LEU A 235 -12.65 -6.93 -14.55
N PHE A 236 -12.06 -7.16 -15.72
CA PHE A 236 -10.81 -7.96 -15.89
C PHE A 236 -9.86 -7.19 -16.80
N ASN A 237 -8.57 -7.21 -16.49
CA ASN A 237 -7.61 -6.52 -17.40
C ASN A 237 -6.23 -7.11 -17.19
N LEU A 238 -5.41 -6.94 -18.21
CA LEU A 238 -3.96 -7.26 -18.12
C LEU A 238 -3.23 -5.96 -18.45
N ALA A 239 -2.82 -5.24 -17.42
CA ALA A 239 -2.04 -4.00 -17.60
C ALA A 239 -0.58 -4.41 -17.79
N VAL A 240 0.16 -3.55 -18.47
CA VAL A 240 1.63 -3.69 -18.63
C VAL A 240 2.31 -2.43 -18.08
N GLY A 241 3.18 -2.60 -17.07
CA GLY A 241 3.72 -1.46 -16.34
C GLY A 241 2.66 -0.70 -15.56
N GLY A 242 3.02 0.46 -15.08
CA GLY A 242 2.20 1.24 -14.14
C GLY A 242 2.89 1.35 -12.80
N ALA A 243 2.48 2.35 -12.02
CA ALA A 243 3.10 2.67 -10.72
C ALA A 243 3.11 1.45 -9.79
N PHE A 244 2.03 0.67 -9.79
CA PHE A 244 1.90 -0.53 -8.95
C PHE A 244 3.09 -1.47 -9.15
N THR A 245 3.56 -1.58 -10.39
CA THR A 245 4.62 -2.55 -10.76
C THR A 245 6.01 -1.91 -10.52
N GLY A 246 6.04 -0.62 -10.33
CA GLY A 246 7.25 0.21 -10.24
C GLY A 246 7.94 0.40 -11.58
N ILE A 247 7.34 0.00 -12.68
CA ILE A 247 7.89 0.17 -14.04
C ILE A 247 6.98 1.09 -14.83
N THR A 248 7.43 2.31 -15.13
CA THR A 248 6.64 3.34 -15.83
C THR A 248 7.40 3.83 -17.06
N ASP A 249 8.49 3.15 -17.43
CA ASP A 249 9.34 3.50 -18.60
C ASP A 249 9.59 2.20 -19.33
N ILE A 250 9.29 2.17 -20.63
CA ILE A 250 9.48 0.95 -21.43
C ILE A 250 10.92 0.47 -21.32
N ASN A 251 11.89 1.34 -21.07
CA ASN A 251 13.32 0.95 -20.92
C ASN A 251 13.55 0.09 -19.67
N LYS A 252 12.56 0.01 -18.77
CA LYS A 252 12.68 -0.81 -17.55
C LYS A 252 11.75 -2.02 -17.62
N LEU A 253 11.04 -2.22 -18.71
CA LEU A 253 10.11 -3.37 -18.86
C LEU A 253 10.97 -4.60 -19.19
N THR A 254 10.90 -5.64 -18.40
CA THR A 254 11.59 -6.92 -18.74
C THR A 254 10.60 -8.04 -19.05
N GLY A 255 9.32 -7.88 -18.72
CA GLY A 255 8.34 -8.97 -18.78
C GLY A 255 7.66 -9.10 -20.15
N LEU A 256 7.98 -8.24 -21.10
CA LEU A 256 7.37 -8.33 -22.46
C LEU A 256 8.40 -7.82 -23.50
N LYS A 257 9.01 -8.76 -24.21
CA LYS A 257 10.02 -8.42 -25.25
C LYS A 257 9.32 -7.98 -26.54
N ASP A 258 10.04 -7.27 -27.40
CA ASP A 258 9.52 -6.90 -28.73
C ASP A 258 9.15 -8.16 -29.51
N GLY A 259 7.88 -8.29 -29.92
CA GLY A 259 7.37 -9.44 -30.68
C GLY A 259 6.68 -10.45 -29.78
N GLN A 260 6.73 -10.25 -28.45
CA GLN A 260 6.19 -11.26 -27.52
C GLN A 260 4.69 -11.02 -27.31
N LYS A 261 3.93 -12.10 -27.20
CA LYS A 261 2.50 -12.07 -26.79
C LYS A 261 2.39 -12.89 -25.49
N VAL A 262 1.66 -12.39 -24.49
CA VAL A 262 1.35 -13.18 -23.27
C VAL A 262 -0.16 -13.07 -23.04
N ASN A 263 -0.73 -14.15 -22.56
CA ASN A 263 -2.19 -14.29 -22.33
C ASN A 263 -2.53 -14.42 -20.85
N MET A 264 -3.62 -13.78 -20.48
CA MET A 264 -4.36 -14.06 -19.24
C MET A 264 -5.67 -14.72 -19.66
N TYR A 265 -6.04 -15.81 -19.01
CA TYR A 265 -7.22 -16.64 -19.37
C TYR A 265 -8.23 -16.67 -18.25
N ILE A 266 -9.52 -16.44 -18.57
CA ILE A 266 -10.64 -16.56 -17.60
C ILE A 266 -11.58 -17.63 -18.14
N ASP A 267 -11.67 -18.74 -17.43
CA ASP A 267 -12.46 -19.92 -17.89
C ASP A 267 -13.93 -19.62 -17.64
N TRP A 268 -14.22 -18.94 -16.56
CA TRP A 268 -15.63 -18.69 -16.14
C TRP A 268 -15.64 -17.66 -15.02
N VAL A 269 -16.76 -16.99 -14.89
CA VAL A 269 -17.06 -16.11 -13.74
C VAL A 269 -18.51 -16.41 -13.35
N LYS A 270 -18.76 -16.45 -12.07
CA LYS A 270 -20.15 -16.69 -11.60
C LYS A 270 -20.47 -15.86 -10.38
N ILE A 271 -21.75 -15.53 -10.25
CA ILE A 271 -22.29 -14.82 -9.06
C ILE A 271 -23.28 -15.79 -8.42
N LEU A 272 -23.13 -16.07 -7.14
CA LEU A 272 -24.01 -17.04 -6.45
C LEU A 272 -25.12 -16.23 -5.78
N ILE B 36 -1.03 8.75 33.43
CA ILE B 36 0.21 8.48 32.63
C ILE B 36 1.02 7.35 33.29
N LEU B 37 1.26 6.25 32.59
CA LEU B 37 2.24 5.21 32.99
C LEU B 37 3.65 5.72 32.70
N PHE B 38 3.84 6.51 31.62
CA PHE B 38 5.16 7.04 31.21
C PHE B 38 5.00 8.35 30.43
N LYS B 39 5.88 9.32 30.65
CA LYS B 39 5.97 10.57 29.85
C LYS B 39 7.44 10.90 29.64
N ASP B 40 7.81 11.32 28.44
CA ASP B 40 9.10 12.00 28.18
C ASP B 40 8.72 13.36 27.63
N ASP B 41 9.07 14.41 28.37
CA ASP B 41 8.84 15.80 27.94
C ASP B 41 10.01 16.29 27.09
N PHE B 42 11.10 15.55 26.99
CA PHE B 42 12.30 15.90 26.20
C PHE B 42 12.90 17.21 26.72
N ASN B 43 13.04 17.31 28.05
CA ASN B 43 13.90 18.34 28.66
C ASN B 43 15.36 17.96 28.49
N PHE B 44 15.64 16.66 28.36
CA PHE B 44 16.97 16.17 27.99
C PHE B 44 16.81 14.83 27.27
N PHE B 45 17.89 14.39 26.65
CA PHE B 45 17.95 13.07 25.99
C PHE B 45 18.26 12.02 27.04
N ASP B 46 17.26 11.25 27.45
CA ASP B 46 17.37 10.20 28.49
C ASP B 46 17.86 8.87 27.91
N GLU B 47 19.14 8.55 28.10
CA GLU B 47 19.77 7.29 27.61
C GLU B 47 19.24 6.06 28.33
N LYS B 48 18.47 6.20 29.40
CA LYS B 48 17.84 5.04 30.07
C LYS B 48 16.61 4.61 29.27
N VAL B 49 16.15 5.46 28.35
CA VAL B 49 14.88 5.24 27.59
C VAL B 49 15.16 5.13 26.10
N TRP B 50 16.05 5.96 25.56
CA TRP B 50 16.33 6.06 24.10
C TRP B 50 17.77 5.71 23.73
N THR B 51 17.93 5.21 22.52
CA THR B 51 19.19 4.90 21.85
C THR B 51 19.17 5.60 20.48
N LYS B 52 20.20 6.36 20.18
CA LYS B 52 20.41 6.97 18.86
C LYS B 52 20.98 5.91 17.95
N GLU B 53 20.50 5.84 16.71
CA GLU B 53 21.01 4.83 15.76
C GLU B 53 22.02 5.44 14.82
N THR B 54 22.98 4.58 14.43
CA THR B 54 24.01 4.88 13.45
C THR B 54 23.96 3.84 12.34
N HIS B 55 23.80 4.27 11.10
CA HIS B 55 23.66 3.39 9.92
C HIS B 55 24.19 4.09 8.70
N GLU B 56 24.77 3.34 7.79
CA GLU B 56 25.22 3.85 6.48
C GLU B 56 24.03 4.18 5.59
N PRO B 57 24.23 5.02 4.55
CA PRO B 57 23.20 5.21 3.54
C PRO B 57 22.72 3.88 2.95
N GLY B 58 21.41 3.79 2.75
CA GLY B 58 20.74 2.69 2.03
C GLY B 58 20.65 1.44 2.89
N TRP B 59 20.79 1.59 4.20
CA TRP B 59 20.63 0.48 5.17
C TRP B 59 19.26 -0.19 5.01
N THR B 60 18.18 0.60 5.00
CA THR B 60 16.81 0.08 4.73
C THR B 60 16.11 0.85 3.61
N ASN B 61 15.24 0.18 2.85
CA ASN B 61 14.25 0.81 1.96
C ASN B 61 14.91 1.72 0.92
N GLN B 62 16.18 1.50 0.55
CA GLN B 62 16.89 2.31 -0.47
C GLN B 62 16.92 3.80 -0.05
N GLU B 63 16.92 4.03 1.26
CA GLU B 63 16.93 5.39 1.83
C GLU B 63 18.28 6.03 1.49
N LEU B 64 18.29 7.35 1.35
CA LEU B 64 19.54 8.03 0.97
C LEU B 64 20.34 8.45 2.21
N GLN B 65 19.70 8.70 3.34
CA GLN B 65 20.43 9.28 4.49
C GLN B 65 21.30 8.23 5.16
N ALA B 66 22.45 8.64 5.67
CA ALA B 66 23.05 8.00 6.86
C ALA B 66 22.36 8.48 8.13
N TYR B 67 22.19 7.62 9.12
CA TYR B 67 21.80 8.00 10.47
C TYR B 67 23.05 8.15 11.35
N ASP B 68 23.12 9.23 12.11
CA ASP B 68 24.22 9.37 13.12
C ASP B 68 23.73 10.12 14.35
N ALA B 69 24.53 10.07 15.42
CA ALA B 69 24.15 10.61 16.74
C ALA B 69 24.08 12.13 16.66
N ALA B 70 24.87 12.73 15.79
CA ALA B 70 24.98 14.21 15.71
C ALA B 70 23.68 14.79 15.15
N HIS B 71 22.82 13.99 14.53
CA HIS B 71 21.54 14.50 13.95
C HIS B 71 20.34 14.19 14.85
N VAL B 72 20.60 13.81 16.09
CA VAL B 72 19.58 13.67 17.14
C VAL B 72 19.98 14.62 18.25
N SER B 73 19.09 15.48 18.69
CA SER B 73 19.41 16.45 19.75
C SER B 73 18.14 16.75 20.51
N VAL B 74 18.31 17.35 21.68
CA VAL B 74 17.19 17.92 22.44
C VAL B 74 17.52 19.40 22.59
N GLY B 75 16.56 20.27 22.29
CA GLY B 75 16.78 21.72 22.33
C GLY B 75 15.47 22.46 22.38
N LYS B 76 15.54 23.77 22.14
CA LYS B 76 14.40 24.69 22.30
C LYS B 76 13.71 24.86 20.95
N ASP B 77 12.41 24.95 21.00
CA ASP B 77 11.57 25.45 19.89
C ASP B 77 10.58 26.43 20.52
N GLY B 78 10.92 27.72 20.52
CA GLY B 78 10.16 28.73 21.29
C GLY B 78 10.17 28.38 22.76
N ASP B 79 8.99 28.37 23.38
CA ASP B 79 8.79 28.06 24.83
C ASP B 79 8.96 26.57 25.10
N LYS B 80 9.24 25.74 24.08
CA LYS B 80 9.22 24.27 24.24
C LYS B 80 10.62 23.68 24.26
N SER B 81 10.76 22.57 24.98
CA SER B 81 11.93 21.71 24.94
C SER B 81 11.51 20.41 24.23
N VAL B 82 12.24 20.07 23.17
CA VAL B 82 11.73 19.06 22.18
C VAL B 82 12.91 18.20 21.75
N LEU B 83 12.59 16.97 21.38
CA LEU B 83 13.48 16.09 20.58
C LEU B 83 13.51 16.63 19.15
N ILE B 84 14.71 16.79 18.60
CA ILE B 84 14.97 17.31 17.23
C ILE B 84 15.69 16.24 16.43
N LEU B 85 15.07 15.79 15.36
CA LEU B 85 15.72 14.94 14.36
C LEU B 85 15.99 15.79 13.13
N THR B 86 17.26 15.94 12.79
CA THR B 86 17.71 16.89 11.74
C THR B 86 18.18 16.15 10.50
N ALA B 87 17.53 16.36 9.35
CA ALA B 87 18.03 15.93 8.03
C ALA B 87 18.93 17.03 7.47
N GLU B 88 20.12 16.68 7.03
CA GLU B 88 21.08 17.68 6.49
C GLU B 88 21.70 17.13 5.23
N ARG B 89 21.90 18.01 4.24
CA ARG B 89 22.66 17.65 3.03
C ARG B 89 23.97 18.42 3.02
N LYS B 90 25.07 17.71 2.77
CA LYS B 90 26.41 18.32 2.58
C LYS B 90 26.93 17.74 1.28
N GLY B 91 26.85 18.55 0.21
CA GLY B 91 27.10 18.13 -1.16
C GLY B 91 26.08 17.10 -1.60
N ASN B 92 26.53 15.87 -1.79
CA ASN B 92 25.67 14.74 -2.21
C ASN B 92 25.48 13.77 -1.03
N LYS B 93 26.04 14.08 0.14
CA LYS B 93 25.90 13.21 1.34
C LYS B 93 24.69 13.71 2.14
N ILE B 94 23.91 12.78 2.70
CA ILE B 94 22.68 13.11 3.48
C ILE B 94 22.80 12.45 4.86
N TYR B 95 22.50 13.19 5.93
CA TYR B 95 22.55 12.71 7.32
C TYR B 95 21.19 12.98 7.92
N SER B 96 20.78 12.11 8.80
CA SER B 96 19.57 12.37 9.63
C SER B 96 19.60 11.55 10.91
N GLY B 97 18.51 11.62 11.65
CA GLY B 97 18.36 11.05 12.99
C GLY B 97 17.29 9.99 13.10
N ARG B 98 17.54 9.02 13.96
CA ARG B 98 16.58 7.97 14.29
C ARG B 98 16.87 7.51 15.73
N ILE B 99 15.84 7.37 16.53
CA ILE B 99 15.93 6.78 17.88
C ILE B 99 14.95 5.63 18.08
N ASN B 100 15.27 4.76 19.03
CA ASN B 100 14.37 3.65 19.45
C ASN B 100 14.50 3.45 20.97
N SER B 101 13.50 2.83 21.58
CA SER B 101 13.47 2.51 23.03
C SER B 101 13.64 1.01 23.24
N LYS B 102 14.21 0.26 22.27
CA LYS B 102 14.32 -1.22 22.36
C LYS B 102 15.12 -1.58 23.63
N GLY B 103 14.56 -2.45 24.44
CA GLY B 103 15.27 -2.95 25.65
C GLY B 103 15.28 -1.93 26.77
N LYS B 104 14.53 -0.83 26.68
CA LYS B 104 14.58 0.29 27.64
C LYS B 104 13.16 0.67 28.01
N LYS B 105 12.28 0.86 27.03
CA LYS B 105 10.87 1.17 27.31
C LYS B 105 9.99 0.47 26.26
N SER B 106 9.13 -0.43 26.75
CA SER B 106 8.19 -1.20 25.91
C SER B 106 6.87 -1.41 26.66
N PHE B 107 5.79 -1.66 25.94
CA PHE B 107 4.45 -1.76 26.54
C PHE B 107 3.52 -2.55 25.63
N LYS B 108 2.38 -2.96 26.20
CA LYS B 108 1.36 -3.79 25.55
C LYS B 108 0.00 -3.27 25.99
N TYR B 109 -0.92 -3.09 25.05
CA TYR B 109 -2.34 -2.77 25.30
C TYR B 109 -2.46 -1.44 26.06
N ARG B 110 -1.70 -0.44 25.64
CA ARG B 110 -1.80 0.93 26.22
C ARG B 110 -1.96 1.91 25.06
N LYS B 111 -2.51 3.06 25.39
CA LYS B 111 -2.56 4.22 24.49
C LYS B 111 -1.21 4.93 24.51
N ILE B 112 -0.65 5.15 23.33
CA ILE B 112 0.58 5.96 23.18
C ILE B 112 0.24 7.21 22.35
N GLU B 113 0.72 8.36 22.79
CA GLU B 113 0.45 9.64 22.11
C GLU B 113 1.77 10.39 22.00
N ALA B 114 1.97 11.08 20.91
CA ALA B 114 3.13 11.96 20.72
C ALA B 114 2.66 13.26 20.04
N SER B 115 3.22 14.38 20.47
CA SER B 115 3.01 15.70 19.86
C SER B 115 4.19 16.01 18.95
N ILE B 116 3.93 16.17 17.65
CA ILE B 116 5.00 16.22 16.63
C ILE B 116 4.72 17.39 15.70
N LYS B 117 5.77 18.10 15.37
CA LYS B 117 5.77 19.13 14.33
C LYS B 117 6.61 18.61 13.17
N LEU B 118 5.98 18.57 12.00
CA LEU B 118 6.57 17.87 10.84
C LEU B 118 7.02 18.90 9.82
N PRO B 119 8.13 18.64 9.13
CA PRO B 119 8.61 19.48 8.04
C PRO B 119 7.78 19.24 6.78
N LYS B 120 7.79 20.21 5.87
CA LYS B 120 7.17 20.00 4.55
C LYS B 120 7.94 18.90 3.84
N THR B 121 7.26 17.79 3.53
CA THR B 121 7.91 16.55 3.04
C THR B 121 8.14 16.55 1.54
N ASN B 122 7.43 17.40 0.75
CA ASN B 122 7.47 17.26 -0.73
C ASN B 122 8.91 17.19 -1.20
N GLY B 123 9.23 16.24 -2.08
CA GLY B 123 10.59 16.10 -2.62
C GLY B 123 11.51 15.20 -1.80
N GLY B 124 10.95 14.35 -0.93
CA GLY B 124 11.67 13.15 -0.45
C GLY B 124 11.77 12.96 1.05
N LEU B 125 11.28 13.87 1.88
CA LEU B 125 11.37 13.66 3.34
C LEU B 125 10.33 12.60 3.76
N TRP B 126 10.68 11.78 4.76
CA TRP B 126 9.89 10.60 5.18
C TRP B 126 9.97 10.48 6.69
N PRO B 127 9.20 11.33 7.40
CA PRO B 127 9.08 11.22 8.86
C PRO B 127 8.18 10.06 9.24
N ALA B 128 8.44 9.46 10.41
CA ALA B 128 7.62 8.35 10.92
C ALA B 128 7.70 8.22 12.44
N PHE B 129 6.55 7.84 12.99
CA PHE B 129 6.31 7.49 14.40
C PHE B 129 5.80 6.06 14.46
N TRP B 130 6.57 5.14 15.03
CA TRP B 130 6.23 3.72 14.88
C TRP B 130 6.75 2.89 16.04
N MET B 131 6.49 1.60 15.93
CA MET B 131 6.74 0.62 17.02
C MET B 131 7.18 -0.68 16.39
N MET B 132 8.04 -1.43 17.10
CA MET B 132 8.39 -2.82 16.70
C MET B 132 8.42 -3.69 17.96
N GLY B 133 8.20 -4.99 17.83
CA GLY B 133 8.16 -5.92 18.97
C GLY B 133 9.48 -5.90 19.73
N ASP B 134 9.40 -5.76 21.05
CA ASP B 134 10.59 -5.79 21.96
C ASP B 134 11.05 -7.24 22.16
N ASN B 135 11.63 -7.84 21.15
CA ASN B 135 12.13 -9.23 21.18
C ASN B 135 13.36 -9.28 20.25
N ASP B 136 13.87 -10.48 19.97
CA ASP B 136 15.12 -10.66 19.21
C ASP B 136 14.80 -11.17 17.81
N LYS B 137 13.54 -11.10 17.39
CA LYS B 137 13.13 -11.57 16.06
C LYS B 137 13.52 -10.49 15.04
N GLN B 138 13.90 -10.89 13.84
CA GLN B 138 14.25 -9.95 12.74
C GLN B 138 12.92 -9.40 12.19
N TRP B 139 12.90 -8.15 11.74
CA TRP B 139 11.73 -7.61 10.99
C TRP B 139 11.53 -8.54 9.79
N PRO B 140 10.27 -8.90 9.40
CA PRO B 140 9.03 -8.43 10.04
C PRO B 140 8.46 -9.32 11.14
N ALA B 141 9.23 -10.33 11.60
CA ALA B 141 8.71 -11.32 12.58
C ALA B 141 8.54 -10.70 13.97
N CYS B 142 9.22 -9.59 14.27
CA CYS B 142 9.05 -8.80 15.53
C CYS B 142 7.72 -8.05 15.53
N GLY B 143 7.10 -7.88 14.35
CA GLY B 143 5.91 -7.02 14.21
C GLY B 143 6.33 -5.55 14.02
N GLU B 144 5.55 -4.78 13.26
CA GLU B 144 5.78 -3.33 13.10
C GLU B 144 4.44 -2.65 13.03
N ILE B 145 4.28 -1.58 13.78
CA ILE B 145 3.09 -0.69 13.76
C ILE B 145 3.61 0.66 13.31
N ASP B 146 3.22 1.08 12.12
CA ASP B 146 3.56 2.42 11.59
C ASP B 146 2.38 3.32 11.96
N ILE B 147 2.47 4.04 13.06
CA ILE B 147 1.34 4.84 13.58
C ILE B 147 1.06 5.97 12.57
N MET B 148 2.10 6.67 12.18
CA MET B 148 2.00 7.81 11.22
C MET B 148 3.28 7.83 10.42
N ALA B 149 3.16 7.94 9.09
CA ALA B 149 4.25 8.36 8.23
C ALA B 149 3.68 9.34 7.21
N MET B 150 4.50 10.28 6.80
CA MET B 150 4.19 11.16 5.65
C MET B 150 5.30 11.08 4.63
N GLY B 151 5.04 11.59 3.42
CA GLY B 151 6.03 11.66 2.34
C GLY B 151 5.91 10.61 1.25
N GLU B 152 4.78 9.90 1.22
CA GLU B 152 4.61 8.83 0.20
C GLU B 152 4.62 9.40 -1.23
N GLN B 153 5.24 8.65 -2.15
CA GLN B 153 5.28 8.86 -3.62
C GLN B 153 3.92 9.38 -4.11
N SER B 154 2.80 8.72 -3.80
CA SER B 154 1.48 9.09 -4.41
C SER B 154 0.94 10.46 -3.93
N GLY B 155 1.27 10.90 -2.69
CA GLY B 155 0.97 12.25 -2.14
C GLY B 155 1.58 13.37 -2.97
N MET B 156 2.77 13.14 -3.52
CA MET B 156 3.38 14.02 -4.56
C MET B 156 2.78 13.60 -5.91
N ALA B 158 -0.47 13.18 -7.76
CA ALA B 158 -1.81 13.69 -7.42
C ALA B 158 -1.88 13.95 -5.90
N GLY B 159 -2.97 14.56 -5.41
CA GLY B 159 -3.17 14.76 -3.97
C GLY B 159 -2.21 15.78 -3.36
N ASP B 160 -2.08 15.78 -2.04
CA ASP B 160 -1.50 16.90 -1.26
C ASP B 160 -0.48 16.36 -0.28
N SER B 161 0.82 16.50 -0.59
CA SER B 161 1.90 15.95 0.25
C SER B 161 1.77 16.44 1.70
N GLU B 162 1.16 17.60 1.96
CA GLU B 162 1.04 18.20 3.31
C GLU B 162 -0.13 17.55 4.07
N LYS B 163 -0.97 16.79 3.41
CA LYS B 163 -2.17 16.22 4.09
C LYS B 163 -2.17 14.69 4.05
N GLN B 164 -1.38 14.07 3.19
CA GLN B 164 -1.48 12.61 2.96
C GLN B 164 -0.75 11.80 4.05
N VAL B 165 -1.52 11.06 4.84
CA VAL B 165 -0.98 10.28 5.99
C VAL B 165 -1.16 8.79 5.65
N ASN B 166 -0.13 8.03 5.99
CA ASN B 166 -0.08 6.56 5.83
C ASN B 166 0.04 5.92 7.20
N THR B 167 -0.75 4.88 7.46
CA THR B 167 -0.59 3.99 8.64
C THR B 167 -0.56 2.54 8.15
N ALA B 168 0.12 1.67 8.87
CA ALA B 168 0.38 0.31 8.37
C ALA B 168 0.74 -0.63 9.53
N ILE B 169 0.50 -1.91 9.29
CA ILE B 169 1.11 -2.98 10.13
C ILE B 169 1.85 -3.92 9.20
N HIS B 170 2.98 -4.42 9.69
CA HIS B 170 3.81 -5.39 8.95
C HIS B 170 4.06 -6.55 9.88
N TYR B 171 4.11 -7.73 9.31
CA TYR B 171 4.26 -8.97 10.11
C TYR B 171 4.61 -10.09 9.16
N GLY B 172 4.76 -11.29 9.72
CA GLY B 172 5.15 -12.48 8.94
C GLY B 172 6.48 -13.01 9.44
N PRO B 173 6.79 -14.28 9.17
CA PRO B 173 7.90 -14.93 9.88
C PRO B 173 9.29 -14.60 9.31
N SER B 174 9.40 -13.98 8.13
CA SER B 174 10.67 -13.61 7.44
C SER B 174 10.45 -12.54 6.37
N ALA B 175 11.52 -11.96 5.83
CA ALA B 175 11.43 -10.94 4.75
C ALA B 175 10.82 -11.58 3.51
N ALA B 176 11.06 -12.87 3.30
CA ALA B 176 10.49 -13.60 2.16
C ALA B 176 8.97 -13.76 2.37
N ALA B 177 8.50 -13.82 3.62
CA ALA B 177 7.07 -14.12 3.96
C ALA B 177 6.40 -12.88 4.56
N HIS B 178 6.83 -11.69 4.12
CA HIS B 178 6.34 -10.39 4.66
C HIS B 178 4.88 -10.21 4.26
N GLU B 179 4.07 -9.81 5.20
CA GLU B 179 2.67 -9.40 5.00
C GLU B 179 2.53 -7.97 5.48
N GLN B 180 1.63 -7.23 4.85
CA GLN B 180 1.45 -5.80 5.18
C GLN B 180 -0.04 -5.49 5.06
N GLN B 181 -0.57 -4.70 5.97
CA GLN B 181 -1.83 -3.97 5.76
C GLN B 181 -1.53 -2.48 5.81
N TYR B 182 -2.32 -1.72 5.06
N TYR B 182 -2.03 -1.69 4.86
CA TYR B 182 -1.98 -0.34 4.64
CA TYR B 182 -1.89 -0.22 5.02
C TYR B 182 -3.26 0.49 4.60
C TYR B 182 -3.20 0.48 4.66
N TYR B 183 -3.24 1.70 5.14
CA TYR B 183 -4.33 2.68 4.92
C TYR B 183 -3.65 4.01 4.62
N LYS B 184 -4.16 4.70 3.61
CA LYS B 184 -3.67 6.03 3.22
C LYS B 184 -4.91 6.92 3.02
N ALA B 185 -4.83 8.16 3.49
CA ALA B 185 -5.92 9.16 3.30
C ALA B 185 -5.34 10.56 3.54
N ASN B 186 -6.04 11.58 3.08
CA ASN B 186 -5.70 13.01 3.32
C ASN B 186 -6.54 13.51 4.49
N VAL B 187 -5.92 14.07 5.53
CA VAL B 187 -6.68 14.82 6.57
C VAL B 187 -7.18 16.15 5.94
N ALA B 188 -8.02 16.89 6.66
CA ALA B 188 -8.69 18.14 6.19
C ALA B 188 -7.65 19.24 5.94
N ASN B 189 -6.70 19.42 6.87
CA ASN B 189 -5.79 20.59 6.96
C ASN B 189 -4.35 20.09 6.93
N SER B 190 -3.44 20.91 6.39
CA SER B 190 -1.98 20.64 6.45
C SER B 190 -1.51 20.19 7.85
N LEU B 191 -0.70 19.12 7.91
CA LEU B 191 -0.05 18.65 9.17
C LEU B 191 1.38 19.16 9.15
N GLN B 192 1.74 19.90 8.10
CA GLN B 192 3.11 20.40 7.85
C GLN B 192 3.03 21.93 7.79
N ASP B 193 2.45 22.51 8.82
CA ASP B 193 1.89 23.89 8.88
C ASP B 193 2.61 24.73 9.94
N GLY B 194 3.74 24.28 10.48
CA GLY B 194 4.47 24.98 11.54
C GLY B 194 3.86 24.79 12.92
N ASN B 195 2.91 23.87 13.08
CA ASN B 195 2.26 23.59 14.38
C ASN B 195 2.51 22.14 14.78
N TYR B 196 2.39 21.88 16.08
CA TYR B 196 2.41 20.50 16.65
C TYR B 196 1.02 19.90 16.50
N HIS B 197 1.00 18.62 16.14
CA HIS B 197 -0.22 17.82 16.09
C HIS B 197 -0.03 16.54 16.91
N THR B 198 -1.12 15.99 17.43
CA THR B 198 -1.10 14.83 18.33
C THR B 198 -1.45 13.57 17.55
N TYR B 199 -0.55 12.59 17.58
CA TYR B 199 -0.67 11.27 16.89
C TYR B 199 -0.82 10.24 17.98
N SER B 200 -1.91 9.45 17.93
CA SER B 200 -2.28 8.51 19.01
C SER B 200 -2.47 7.11 18.45
N LEU B 201 -2.08 6.10 19.23
CA LEU B 201 -2.42 4.67 18.99
C LEU B 201 -3.12 4.15 20.24
N ASP B 202 -4.36 3.72 20.07
CA ASP B 202 -5.12 2.94 21.08
C ASP B 202 -4.90 1.46 20.76
N TRP B 203 -4.64 0.64 21.76
CA TRP B 203 -4.24 -0.74 21.53
C TRP B 203 -4.90 -1.63 22.58
N ASP B 204 -5.67 -2.62 22.12
CA ASP B 204 -6.28 -3.65 23.01
C ASP B 204 -6.15 -5.00 22.30
N GLU B 205 -6.76 -6.07 22.86
CA GLU B 205 -6.66 -7.47 22.33
C GLU B 205 -7.24 -7.56 20.91
N ASN B 206 -8.08 -6.59 20.50
CA ASN B 206 -8.87 -6.68 19.25
C ASN B 206 -8.37 -5.68 18.20
N ASN B 207 -8.02 -4.47 18.61
CA ASN B 207 -7.90 -3.33 17.67
C ASN B 207 -6.65 -2.48 17.92
N LEU B 208 -5.99 -2.07 16.82
CA LEU B 208 -5.08 -0.91 16.81
C LEU B 208 -5.81 0.28 16.16
N THR B 209 -6.06 1.35 16.93
CA THR B 209 -6.78 2.55 16.44
C THR B 209 -5.86 3.77 16.46
N ILE B 210 -5.58 4.30 15.29
CA ILE B 210 -4.79 5.51 15.10
C ILE B 210 -5.76 6.70 15.11
N SER B 211 -5.36 7.75 15.81
CA SER B 211 -6.06 9.05 15.81
C SER B 211 -5.08 10.18 15.53
N ILE B 212 -5.59 11.27 14.98
CA ILE B 212 -4.80 12.48 14.69
C ILE B 212 -5.57 13.66 15.29
N ASP B 213 -4.95 14.41 16.18
CA ASP B 213 -5.64 15.52 16.90
C ASP B 213 -6.95 14.98 17.49
N ASN B 214 -6.91 13.79 18.10
CA ASN B 214 -8.01 13.12 18.85
C ASN B 214 -9.16 12.64 17.95
N VAL B 215 -9.05 12.73 16.62
CA VAL B 215 -10.11 12.23 15.70
C VAL B 215 -9.64 10.90 15.13
N LYS B 216 -10.47 9.87 15.19
CA LYS B 216 -10.13 8.54 14.64
C LYS B 216 -9.75 8.62 13.16
N PHE B 217 -8.64 7.97 12.80
CA PHE B 217 -8.07 7.97 11.45
C PHE B 217 -8.27 6.58 10.86
N HIS B 218 -7.90 5.51 11.57
CA HIS B 218 -8.13 4.13 11.08
C HIS B 218 -8.03 3.12 12.20
N THR B 219 -8.66 1.96 12.01
CA THR B 219 -8.51 0.78 12.90
C THR B 219 -8.02 -0.43 12.11
N PHE B 220 -7.01 -1.12 12.64
CA PHE B 220 -6.61 -2.47 12.16
C PHE B 220 -7.14 -3.52 13.14
N ASP B 221 -7.71 -4.60 12.61
CA ASP B 221 -8.23 -5.72 13.44
C ASP B 221 -7.08 -6.69 13.73
N ILE B 222 -6.68 -6.82 15.00
CA ILE B 222 -5.56 -7.73 15.40
C ILE B 222 -6.10 -8.88 16.25
N SER B 223 -7.42 -9.05 16.29
CA SER B 223 -8.12 -10.07 17.12
C SER B 223 -7.61 -11.48 16.81
N SER B 224 -7.21 -11.80 15.58
CA SER B 224 -6.63 -13.12 15.22
C SER B 224 -5.19 -12.97 14.70
N ASN B 225 -4.51 -11.86 14.99
CA ASN B 225 -3.16 -11.64 14.43
C ASN B 225 -2.16 -11.82 15.56
N THR B 226 -1.27 -12.80 15.48
CA THR B 226 -0.47 -13.24 16.65
C THR B 226 0.71 -12.28 16.91
N TYR B 227 0.96 -11.33 16.01
CA TYR B 227 2.17 -10.48 16.06
C TYR B 227 1.97 -9.23 16.95
N PHE B 228 0.77 -8.92 17.48
CA PHE B 228 0.47 -7.62 18.13
C PHE B 228 -0.05 -7.84 19.53
N HIS B 229 0.55 -8.80 20.26
CA HIS B 229 0.05 -9.22 21.61
C HIS B 229 1.19 -9.41 22.61
N ASP B 230 2.29 -8.69 22.41
CA ASP B 230 3.49 -8.67 23.29
C ASP B 230 4.00 -7.22 23.35
N ASN B 231 4.98 -6.97 24.21
CA ASN B 231 5.56 -5.61 24.33
C ASN B 231 6.13 -5.15 22.99
N PHE B 232 5.88 -3.88 22.69
CA PHE B 232 6.51 -3.15 21.57
C PHE B 232 7.26 -1.95 22.14
N TYR B 233 8.38 -1.59 21.51
CA TYR B 233 9.14 -0.36 21.79
C TYR B 233 8.82 0.70 20.71
N ILE B 234 9.29 1.91 20.92
CA ILE B 234 8.95 3.14 20.13
C ILE B 234 10.12 3.54 19.26
N LEU B 235 9.82 4.02 18.06
CA LEU B 235 10.84 4.64 17.20
C LEU B 235 10.30 5.97 16.69
N PHE B 236 11.22 6.89 16.48
CA PHE B 236 11.04 8.10 15.67
C PHE B 236 12.20 8.20 14.70
N ASN B 237 11.90 8.58 13.48
CA ASN B 237 12.97 8.85 12.50
C ASN B 237 12.51 9.89 11.45
N LEU B 238 13.49 10.48 10.82
CA LEU B 238 13.31 11.32 9.63
C LEU B 238 14.19 10.72 8.54
N ALA B 239 13.57 9.89 7.71
CA ALA B 239 14.25 9.30 6.55
C ALA B 239 14.27 10.34 5.44
N VAL B 240 15.21 10.19 4.52
CA VAL B 240 15.30 11.03 3.31
C VAL B 240 15.40 10.10 2.09
N GLY B 241 14.45 10.26 1.17
CA GLY B 241 14.31 9.34 0.04
C GLY B 241 13.98 7.94 0.53
N GLY B 242 14.13 6.95 -0.35
CA GLY B 242 13.69 5.57 -0.13
C GLY B 242 12.46 5.22 -0.97
N ALA B 243 12.21 3.93 -1.12
CA ALA B 243 11.14 3.44 -2.02
C ALA B 243 9.78 4.11 -1.72
N PHE B 244 9.45 4.30 -0.45
CA PHE B 244 8.15 4.87 -0.02
C PHE B 244 7.93 6.20 -0.71
N THR B 245 8.99 6.99 -0.85
CA THR B 245 8.94 8.38 -1.37
C THR B 245 9.00 8.37 -2.89
N GLY B 246 9.47 7.28 -3.49
CA GLY B 246 9.75 7.15 -4.93
C GLY B 246 11.06 7.79 -5.34
N ILE B 247 11.85 8.35 -4.39
CA ILE B 247 13.16 8.97 -4.69
C ILE B 247 14.25 8.11 -4.08
N THR B 248 15.05 7.45 -4.93
CA THR B 248 16.12 6.54 -4.53
C THR B 248 17.46 6.92 -5.18
N ASP B 249 17.49 8.00 -5.96
CA ASP B 249 18.71 8.59 -6.55
C ASP B 249 18.85 10.04 -6.04
N ILE B 250 19.99 10.38 -5.43
CA ILE B 250 20.33 11.72 -4.90
C ILE B 250 20.01 12.78 -5.96
N ASN B 251 20.18 12.51 -7.25
CA ASN B 251 19.96 13.51 -8.32
C ASN B 251 18.47 13.83 -8.47
N LYS B 252 17.56 13.02 -7.90
CA LYS B 252 16.10 13.26 -7.96
C LYS B 252 15.62 13.88 -6.64
N LEU B 253 16.50 14.10 -5.67
CA LEU B 253 16.06 14.64 -4.37
C LEU B 253 15.90 16.17 -4.49
N THR B 254 14.68 16.67 -4.36
CA THR B 254 14.37 18.11 -4.51
C THR B 254 14.06 18.77 -3.18
N GLY B 255 13.74 18.00 -2.14
CA GLY B 255 13.27 18.56 -0.86
C GLY B 255 14.35 18.96 0.11
N LEU B 256 15.62 18.64 -0.19
CA LEU B 256 16.79 19.00 0.62
C LEU B 256 17.88 19.42 -0.36
N LYS B 257 18.33 20.67 -0.25
CA LYS B 257 19.39 21.18 -1.13
C LYS B 257 20.71 21.25 -0.36
N ASP B 258 21.79 21.45 -1.11
CA ASP B 258 23.15 21.46 -0.52
C ASP B 258 23.18 22.48 0.64
N GLY B 259 23.58 22.02 1.82
CA GLY B 259 23.75 22.82 3.03
C GLY B 259 22.52 22.88 3.91
N GLN B 260 21.38 22.41 3.41
CA GLN B 260 20.09 22.63 4.10
C GLN B 260 19.95 21.65 5.27
N LYS B 261 19.39 22.13 6.36
CA LYS B 261 18.96 21.35 7.53
C LYS B 261 17.43 21.45 7.64
N VAL B 262 16.74 20.32 7.76
CA VAL B 262 15.28 20.31 7.99
C VAL B 262 14.99 19.49 9.24
N ASN B 263 14.16 20.02 10.12
CA ASN B 263 13.93 19.38 11.43
C ASN B 263 12.54 18.76 11.53
N MET B 264 12.49 17.68 12.29
CA MET B 264 11.27 17.03 12.83
C MET B 264 11.35 17.18 14.34
N TYR B 265 10.30 17.72 14.97
CA TYR B 265 10.33 18.06 16.42
C TYR B 265 9.30 17.21 17.14
N ILE B 266 9.69 16.60 18.25
CA ILE B 266 8.78 15.84 19.14
C ILE B 266 8.77 16.53 20.48
N ASP B 267 7.63 17.11 20.83
CA ASP B 267 7.56 17.90 22.09
C ASP B 267 7.50 16.93 23.26
N TRP B 268 6.71 15.84 23.13
CA TRP B 268 6.50 14.84 24.20
C TRP B 268 5.95 13.56 23.61
N VAL B 269 6.12 12.47 24.36
CA VAL B 269 5.48 11.17 24.10
C VAL B 269 4.97 10.67 25.45
N LYS B 270 3.73 10.19 25.49
CA LYS B 270 3.16 9.61 26.73
C LYS B 270 2.47 8.27 26.45
N ILE B 271 2.53 7.38 27.44
CA ILE B 271 1.80 6.09 27.50
C ILE B 271 0.82 6.21 28.66
N LEU B 272 -0.47 6.08 28.36
CA LEU B 272 -1.57 5.99 29.36
C LEU B 272 -1.84 4.51 29.61
#